data_8QSG
#
_entry.id   8QSG
#
_cell.length_a   60.722
_cell.length_b   88.183
_cell.length_c   117.175
_cell.angle_alpha   90.00
_cell.angle_beta   90.00
_cell.angle_gamma   90.00
#
_symmetry.space_group_name_H-M   'P 2 21 21'
#
loop_
_entity.id
_entity.type
_entity.pdbx_description
1 polymer '14-3-3 protein sigma'
2 polymer 'BRAF peptide pS365'
3 non-polymer 1-[(5~{R})-2-(4-bromanyl-3-fluoranyl-phenyl)sulfonyl-2,7-diazaspiro[4.4]nonan-7-yl]-2-chloranyl-ethanone
4 non-polymer 'MAGNESIUM ION'
5 non-polymer 'CHLORIDE ION'
6 water water
#
loop_
_entity_poly.entity_id
_entity_poly.type
_entity_poly.pdbx_seq_one_letter_code
_entity_poly.pdbx_strand_id
1 'polypeptide(L)'
;GAMGSMERASLIQKAKLAEQAERYEDMAAFMKGAVEKGEELSCEERNLLSVAYKNVVGGQRAAWRVLSSIEQKSNEEGSE
EKGPEVREYREKVETELQGVCDTVLGLLDSHLIKEAGDAESRVFYLKMKGDYYRYLAEVATGDDKKRIIDSARSAYQEAM
DISKKEMPPTNPIRLGLALNFSVFHYEIANSPEEAISLAKTTFDEAMADLHTLSEDSYKDSTLIMQLLRDNLTLWT
;
A,J
2 'polypeptide(L)' DRSS(SEP)APNV H,S
#
# COMPACT_ATOMS: atom_id res chain seq x y z
N ALA A 2 4.68 -15.93 16.38
CA ALA A 2 4.87 -16.84 15.25
C ALA A 2 6.23 -16.69 14.58
N MET A 3 6.84 -15.50 14.68
CA MET A 3 8.13 -15.24 14.08
C MET A 3 9.25 -15.95 14.85
N GLY A 4 9.08 -15.99 16.18
CA GLY A 4 10.04 -16.65 17.06
C GLY A 4 10.26 -18.12 16.72
N SER A 5 9.19 -18.80 16.28
CA SER A 5 9.25 -20.22 15.95
C SER A 5 9.75 -20.52 14.54
N MET A 6 9.84 -19.49 13.68
CA MET A 6 10.36 -19.67 12.34
C MET A 6 11.88 -19.63 12.35
N GLU A 7 12.51 -20.39 11.45
CA GLU A 7 13.95 -20.38 11.30
C GLU A 7 14.41 -19.06 10.67
N ARG A 8 15.62 -18.62 10.99
CA ARG A 8 16.16 -17.38 10.43
C ARG A 8 16.11 -17.38 8.91
N ALA A 9 16.53 -18.48 8.29
CA ALA A 9 16.54 -18.61 6.85
C ALA A 9 15.15 -18.46 6.23
N SER A 10 14.14 -18.99 6.94
CA SER A 10 12.76 -18.86 6.49
C SER A 10 12.25 -17.43 6.57
N LEU A 11 12.65 -16.71 7.64
CA LEU A 11 12.26 -15.31 7.79
C LEU A 11 12.86 -14.43 6.70
N ILE A 12 14.13 -14.68 6.34
CA ILE A 12 14.77 -13.94 5.27
C ILE A 12 14.06 -14.22 3.95
N GLN A 13 13.77 -15.51 3.69
CA GLN A 13 13.08 -15.89 2.46
C GLN A 13 11.71 -15.21 2.35
N LYS A 14 10.96 -15.22 3.46
CA LYS A 14 9.64 -14.61 3.50
C LYS A 14 9.70 -13.09 3.34
N ALA A 15 10.76 -12.46 3.87
CA ALA A 15 10.97 -11.04 3.64
C ALA A 15 11.15 -10.75 2.15
N LYS A 16 11.92 -11.60 1.44
CA LYS A 16 12.12 -11.43 0.02
C LYS A 16 10.82 -11.64 -0.78
N LEU A 17 10.02 -12.63 -0.36
CA LEU A 17 8.70 -12.86 -0.96
C LEU A 17 7.78 -11.67 -0.76
N ALA A 18 7.76 -11.14 0.48
CA ALA A 18 6.94 -9.99 0.81
C ALA A 18 7.34 -8.77 -0.02
N GLU A 19 8.65 -8.58 -0.22
CA GLU A 19 9.14 -7.51 -1.08
C GLU A 19 8.55 -7.64 -2.48
N GLN A 20 8.59 -8.86 -3.04
CA GLN A 20 8.09 -9.09 -4.38
C GLN A 20 6.58 -8.85 -4.49
N ALA A 21 5.86 -9.10 -3.40
CA ALA A 21 4.41 -8.89 -3.34
C ALA A 21 4.04 -7.45 -2.99
N GLU A 22 5.05 -6.62 -2.70
CA GLU A 22 4.89 -5.24 -2.26
C GLU A 22 4.09 -5.19 -0.96
N ARG A 23 4.35 -6.15 -0.08
CA ARG A 23 3.73 -6.25 1.22
C ARG A 23 4.75 -5.81 2.28
N TYR A 24 4.90 -4.50 2.45
CA TYR A 24 6.04 -3.96 3.17
C TYR A 24 5.90 -4.08 4.69
N GLU A 25 4.66 -4.02 5.18
CA GLU A 25 4.41 -4.27 6.59
C GLU A 25 4.82 -5.70 6.99
N ASP A 26 4.41 -6.68 6.18
CA ASP A 26 4.83 -8.06 6.37
C ASP A 26 6.35 -8.18 6.29
N MET A 27 6.93 -7.56 5.26
CA MET A 27 8.36 -7.60 5.04
C MET A 27 9.10 -7.09 6.27
N ALA A 28 8.61 -5.99 6.85
CA ALA A 28 9.23 -5.39 8.03
C ALA A 28 9.13 -6.34 9.22
N ALA A 29 7.97 -6.97 9.39
CA ALA A 29 7.75 -7.92 10.48
C ALA A 29 8.67 -9.14 10.38
N PHE A 30 8.87 -9.66 9.17
CA PHE A 30 9.80 -10.76 8.94
C PHE A 30 11.24 -10.38 9.29
N MET A 31 11.64 -9.16 8.89
CA MET A 31 13.00 -8.71 9.12
C MET A 31 13.22 -8.42 10.61
N LYS A 32 12.19 -7.91 11.30
CA LYS A 32 12.26 -7.74 12.74
C LYS A 32 12.50 -9.09 13.42
N GLY A 33 11.77 -10.12 12.98
CA GLY A 33 11.99 -11.47 13.48
C GLY A 33 13.42 -11.97 13.22
N ALA A 34 13.95 -11.65 12.04
CA ALA A 34 15.29 -12.07 11.68
C ALA A 34 16.33 -11.39 12.57
N VAL A 35 16.14 -10.09 12.83
CA VAL A 35 17.04 -9.37 13.72
C VAL A 35 17.04 -10.00 15.11
N GLU A 36 15.84 -10.38 15.58
CA GLU A 36 15.67 -10.93 16.91
C GLU A 36 16.27 -12.32 17.10
N LYS A 37 16.71 -12.97 16.00
CA LYS A 37 17.48 -14.19 16.11
C LYS A 37 18.86 -13.94 16.71
N GLY A 38 19.31 -12.68 16.65
CA GLY A 38 20.49 -12.25 17.38
C GLY A 38 21.81 -12.34 16.63
N GLU A 39 21.76 -12.72 15.34
CA GLU A 39 22.96 -12.75 14.52
C GLU A 39 23.06 -11.45 13.72
N GLU A 40 24.28 -11.06 13.34
CA GLU A 40 24.48 -9.88 12.53
C GLU A 40 23.76 -10.01 11.19
N LEU A 41 23.41 -8.86 10.60
CA LEU A 41 22.84 -8.83 9.26
C LEU A 41 23.95 -8.55 8.25
N SER A 42 23.90 -9.24 7.12
CA SER A 42 24.75 -8.95 5.98
C SER A 42 24.30 -7.65 5.32
N CYS A 43 25.12 -7.17 4.37
CA CYS A 43 24.77 -6.02 3.55
C CYS A 43 23.41 -6.19 2.88
N GLU A 44 23.19 -7.37 2.28
CA GLU A 44 21.93 -7.68 1.62
C GLU A 44 20.75 -7.67 2.58
N GLU A 45 20.95 -8.23 3.78
CA GLU A 45 19.89 -8.30 4.78
C GLU A 45 19.58 -6.92 5.36
N ARG A 46 20.61 -6.11 5.54
CA ARG A 46 20.42 -4.73 5.97
C ARG A 46 19.58 -3.97 4.95
N ASN A 47 19.78 -4.25 3.66
CA ASN A 47 18.97 -3.64 2.63
C ASN A 47 17.49 -4.01 2.76
N LEU A 48 17.22 -5.31 3.01
CA LEU A 48 15.85 -5.76 3.22
C LEU A 48 15.20 -5.05 4.42
N LEU A 49 15.93 -4.96 5.53
CA LEU A 49 15.43 -4.28 6.72
C LEU A 49 15.10 -2.83 6.41
N SER A 50 16.03 -2.17 5.70
CA SER A 50 15.88 -0.75 5.35
C SER A 50 14.69 -0.50 4.43
N VAL A 51 14.61 -1.25 3.34
CA VAL A 51 13.53 -1.08 2.37
C VAL A 51 12.16 -1.28 3.03
N ALA A 52 12.05 -2.31 3.87
CA ALA A 52 10.77 -2.64 4.49
C ALA A 52 10.25 -1.48 5.34
N TYR A 53 11.05 -1.05 6.32
CA TYR A 53 10.62 0.01 7.22
C TYR A 53 10.51 1.37 6.53
N LYS A 54 11.42 1.65 5.58
CA LYS A 54 11.34 2.89 4.85
C LYS A 54 10.01 3.04 4.09
N ASN A 55 9.55 1.94 3.50
CA ASN A 55 8.28 1.95 2.78
C ASN A 55 7.10 2.11 3.73
N VAL A 56 7.15 1.43 4.89
CA VAL A 56 6.09 1.56 5.88
C VAL A 56 6.00 2.99 6.39
N VAL A 57 7.12 3.55 6.87
CA VAL A 57 7.09 4.89 7.44
C VAL A 57 6.85 5.93 6.35
N GLY A 58 7.32 5.63 5.13
CA GLY A 58 7.09 6.49 3.97
C GLY A 58 5.62 6.73 3.66
N GLY A 59 4.82 5.66 3.68
CA GLY A 59 3.38 5.77 3.53
C GLY A 59 2.71 6.58 4.64
N GLN A 60 3.17 6.40 5.88
CA GLN A 60 2.64 7.15 7.01
C GLN A 60 3.02 8.62 6.96
N ARG A 61 4.26 8.92 6.55
CA ARG A 61 4.71 10.29 6.40
C ARG A 61 3.91 11.03 5.31
N ALA A 62 3.67 10.36 4.18
CA ALA A 62 2.87 10.92 3.10
C ALA A 62 1.45 11.23 3.58
N ALA A 63 0.86 10.30 4.33
CA ALA A 63 -0.50 10.47 4.83
C ALA A 63 -0.57 11.60 5.87
N TRP A 64 0.41 11.61 6.77
CA TRP A 64 0.50 12.68 7.76
C TRP A 64 0.57 14.05 7.10
N ARG A 65 1.38 14.20 6.04
CA ARG A 65 1.54 15.47 5.36
C ARG A 65 0.24 15.94 4.72
N VAL A 66 -0.48 15.01 4.08
CA VAL A 66 -1.80 15.32 3.52
C VAL A 66 -2.75 15.84 4.60
N LEU A 67 -2.81 15.13 5.72
CA LEU A 67 -3.76 15.45 6.79
C LEU A 67 -3.38 16.76 7.48
N SER A 68 -2.08 16.95 7.71
CA SER A 68 -1.59 18.17 8.34
C SER A 68 -1.88 19.38 7.46
N SER A 69 -1.72 19.24 6.14
CA SER A 69 -2.07 20.30 5.21
C SER A 69 -3.55 20.67 5.27
N ILE A 70 -4.44 19.66 5.28
CA ILE A 70 -5.86 19.90 5.39
C ILE A 70 -6.21 20.59 6.71
N GLU A 71 -5.55 20.13 7.79
CA GLU A 71 -5.79 20.67 9.12
C GLU A 71 -5.43 22.15 9.20
N GLN A 72 -4.27 22.52 8.63
CA GLN A 72 -3.83 23.90 8.64
C GLN A 72 -4.69 24.82 7.80
N LYS A 73 -5.26 24.32 6.68
CA LYS A 73 -6.24 25.08 5.94
C LYS A 73 -7.50 25.37 6.76
N SER A 74 -7.90 24.44 7.64
CA SER A 74 -9.09 24.61 8.47
C SER A 74 -9.01 25.82 9.41
N GLY A 83 -14.57 21.42 12.38
CA GLY A 83 -14.83 20.33 13.30
C GLY A 83 -13.57 19.63 13.78
N PRO A 84 -13.66 18.70 14.77
CA PRO A 84 -12.48 18.00 15.29
C PRO A 84 -11.88 16.86 14.46
N GLU A 85 -12.56 16.44 13.39
CA GLU A 85 -12.27 15.18 12.73
C GLU A 85 -10.86 15.11 12.16
N VAL A 86 -10.44 16.16 11.44
CA VAL A 86 -9.15 16.13 10.77
C VAL A 86 -8.01 16.11 11.79
N ARG A 87 -8.17 16.87 12.88
CA ARG A 87 -7.22 16.85 13.98
C ARG A 87 -7.10 15.45 14.56
N GLU A 88 -8.25 14.86 14.92
CA GLU A 88 -8.28 13.53 15.52
C GLU A 88 -7.59 12.49 14.62
N TYR A 89 -7.90 12.54 13.33
CA TYR A 89 -7.39 11.54 12.41
C TYR A 89 -5.91 11.77 12.13
N ARG A 90 -5.48 13.03 12.04
CA ARG A 90 -4.07 13.35 11.94
C ARG A 90 -3.32 12.80 13.15
N GLU A 91 -3.90 12.97 14.35
CA GLU A 91 -3.30 12.46 15.57
C GLU A 91 -3.17 10.94 15.55
N LYS A 92 -4.21 10.26 15.03
CA LYS A 92 -4.18 8.81 14.91
C LYS A 92 -3.05 8.34 14.01
N VAL A 93 -2.91 8.96 12.84
CA VAL A 93 -1.87 8.57 11.90
C VAL A 93 -0.49 8.86 12.50
N GLU A 94 -0.36 10.03 13.15
CA GLU A 94 0.85 10.43 13.82
C GLU A 94 1.31 9.42 14.87
N THR A 95 0.36 8.94 15.68
CA THR A 95 0.65 7.96 16.73
C THR A 95 1.17 6.65 16.15
N GLU A 96 0.59 6.21 15.04
CA GLU A 96 1.03 5.01 14.35
C GLU A 96 2.46 5.18 13.80
N LEU A 97 2.73 6.35 13.21
CA LEU A 97 4.05 6.68 12.68
C LEU A 97 5.09 6.67 13.79
N GLN A 98 4.76 7.28 14.93
CA GLN A 98 5.65 7.27 16.08
C GLN A 98 5.91 5.85 16.59
N GLY A 99 4.87 5.01 16.56
CA GLY A 99 5.01 3.61 16.93
C GLY A 99 6.02 2.84 16.07
N VAL A 100 5.98 3.06 14.74
CA VAL A 100 6.91 2.40 13.84
C VAL A 100 8.33 2.90 14.09
N CYS A 101 8.50 4.22 14.25
CA CYS A 101 9.80 4.80 14.56
C CYS A 101 10.38 4.22 15.84
N ASP A 102 9.54 4.14 16.89
CA ASP A 102 9.98 3.57 18.16
C ASP A 102 10.41 2.11 18.02
N THR A 103 9.71 1.34 17.17
CA THR A 103 10.05 -0.05 16.92
C THR A 103 11.44 -0.17 16.29
N VAL A 104 11.69 0.67 15.27
CA VAL A 104 12.97 0.67 14.59
C VAL A 104 14.11 1.08 15.52
N LEU A 105 13.91 2.21 16.23
CA LEU A 105 14.92 2.70 17.16
C LEU A 105 15.18 1.67 18.26
N GLY A 106 14.11 0.97 18.68
CA GLY A 106 14.21 -0.12 19.64
C GLY A 106 15.10 -1.27 19.17
N LEU A 107 14.91 -1.69 17.90
CA LEU A 107 15.73 -2.71 17.28
C LEU A 107 17.20 -2.27 17.15
N LEU A 108 17.41 -1.04 16.72
CA LEU A 108 18.76 -0.49 16.59
C LEU A 108 19.48 -0.53 17.93
N ASP A 109 18.80 -0.08 18.99
CA ASP A 109 19.36 -0.02 20.32
C ASP A 109 19.58 -1.38 20.97
N SER A 110 18.61 -2.29 20.82
CA SER A 110 18.67 -3.56 21.53
C SER A 110 19.53 -4.62 20.83
N HIS A 111 19.62 -4.54 19.49
CA HIS A 111 20.23 -5.61 18.71
C HIS A 111 21.34 -5.21 17.73
N LEU A 112 21.21 -4.06 17.06
CA LEU A 112 21.97 -3.80 15.84
C LEU A 112 23.21 -2.93 16.05
N ILE A 113 23.05 -1.80 16.77
CA ILE A 113 24.16 -0.91 17.03
C ILE A 113 25.11 -1.53 18.05
N LYS A 114 26.35 -1.78 17.63
CA LYS A 114 27.37 -2.34 18.51
C LYS A 114 28.68 -1.57 18.34
N GLU A 115 29.60 -1.77 19.30
CA GLU A 115 30.96 -1.29 19.19
C GLU A 115 31.76 -2.01 18.11
N ALA A 116 31.45 -3.28 17.91
CA ALA A 116 32.21 -4.16 17.02
C ALA A 116 31.58 -4.29 15.64
N GLY A 117 32.26 -5.04 14.78
CA GLY A 117 31.85 -5.21 13.40
C GLY A 117 32.42 -4.07 12.57
N ASP A 118 32.28 -4.17 11.26
CA ASP A 118 32.94 -3.25 10.34
C ASP A 118 32.31 -1.85 10.39
N ALA A 119 33.05 -0.88 9.84
CA ALA A 119 32.66 0.51 9.86
C ALA A 119 31.38 0.72 9.07
N GLU A 120 31.28 0.02 7.93
CA GLU A 120 30.13 0.13 7.05
C GLU A 120 28.82 -0.17 7.77
N SER A 121 28.76 -1.27 8.53
CA SER A 121 27.56 -1.62 9.27
C SER A 121 27.31 -0.66 10.42
N ARG A 122 28.37 -0.23 11.12
CA ARG A 122 28.23 0.72 12.21
C ARG A 122 27.65 2.05 11.71
N VAL A 123 28.20 2.56 10.61
CA VAL A 123 27.74 3.80 10.01
C VAL A 123 26.29 3.65 9.54
N PHE A 124 25.99 2.51 8.91
CA PHE A 124 24.65 2.27 8.40
C PHE A 124 23.59 2.35 9.50
N TYR A 125 23.85 1.69 10.64
CA TYR A 125 22.88 1.65 11.72
C TYR A 125 22.75 2.99 12.44
N LEU A 126 23.86 3.71 12.59
CA LEU A 126 23.84 5.03 13.20
C LEU A 126 23.13 6.05 12.30
N LYS A 127 23.35 5.94 10.99
CA LYS A 127 22.58 6.70 10.01
C LYS A 127 21.08 6.43 10.18
N MET A 128 20.71 5.16 10.29
CA MET A 128 19.32 4.77 10.39
C MET A 128 18.70 5.33 11.67
N LYS A 129 19.48 5.32 12.77
CA LYS A 129 19.04 5.94 14.01
C LYS A 129 18.74 7.43 13.81
N GLY A 130 19.67 8.12 13.16
CA GLY A 130 19.48 9.51 12.76
C GLY A 130 18.20 9.71 11.95
N ASP A 131 17.98 8.85 10.96
CA ASP A 131 16.81 8.95 10.08
C ASP A 131 15.49 8.84 10.83
N TYR A 132 15.37 7.86 11.73
CA TYR A 132 14.10 7.61 12.40
C TYR A 132 13.83 8.63 13.51
N TYR A 133 14.88 9.19 14.12
CA TYR A 133 14.69 10.36 14.96
C TYR A 133 14.28 11.58 14.14
N ARG A 134 14.80 11.70 12.92
CA ARG A 134 14.41 12.78 12.03
C ARG A 134 12.93 12.68 11.66
N TYR A 135 12.44 11.47 11.38
CA TYR A 135 11.03 11.27 11.10
C TYR A 135 10.17 11.61 12.31
N LEU A 136 10.64 11.27 13.52
CA LEU A 136 9.95 11.69 14.73
C LEU A 136 9.95 13.22 14.86
N ALA A 137 11.05 13.86 14.46
CA ALA A 137 11.17 15.31 14.55
C ALA A 137 10.21 16.02 13.60
N GLU A 138 9.91 15.40 12.45
CA GLU A 138 9.00 15.98 11.47
C GLU A 138 7.61 16.24 12.05
N VAL A 139 7.17 15.42 13.01
CA VAL A 139 5.86 15.56 13.60
C VAL A 139 5.87 16.06 15.05
N ALA A 140 7.08 16.26 15.61
CA ALA A 140 7.20 16.66 17.01
C ALA A 140 6.89 18.15 17.17
N THR A 141 6.27 18.51 18.30
CA THR A 141 5.93 19.91 18.59
C THR A 141 6.27 20.39 19.99
N GLY A 142 6.40 19.48 20.96
CA GLY A 142 6.62 19.86 22.36
C GLY A 142 8.03 20.29 22.70
N ASP A 143 8.42 20.10 23.97
CA ASP A 143 9.81 20.21 24.38
C ASP A 143 10.54 18.91 24.03
N ASP A 144 9.76 17.84 23.87
CA ASP A 144 10.27 16.60 23.32
C ASP A 144 10.91 16.80 21.94
N LYS A 145 10.44 17.82 21.21
CA LYS A 145 11.00 18.16 19.91
C LYS A 145 12.50 18.43 20.00
N LYS A 146 12.89 19.28 20.96
CA LYS A 146 14.29 19.65 21.13
C LYS A 146 15.14 18.41 21.39
N ARG A 147 14.66 17.55 22.31
CA ARG A 147 15.34 16.31 22.64
C ARG A 147 15.47 15.38 21.42
N ILE A 148 14.40 15.26 20.64
CA ILE A 148 14.40 14.41 19.46
C ILE A 148 15.42 14.89 18.43
N ILE A 149 15.45 16.21 18.20
CA ILE A 149 16.39 16.81 17.27
C ILE A 149 17.84 16.55 17.69
N ASP A 150 18.11 16.69 18.99
CA ASP A 150 19.43 16.44 19.53
C ASP A 150 19.85 14.97 19.37
N SER A 151 18.89 14.05 19.53
CA SER A 151 19.14 12.63 19.32
C SER A 151 19.49 12.32 17.87
N ALA A 152 18.78 12.94 16.93
CA ALA A 152 19.07 12.79 15.51
C ALA A 152 20.47 13.30 15.20
N ARG A 153 20.75 14.53 15.63
CA ARG A 153 22.04 15.16 15.39
C ARG A 153 23.19 14.31 15.93
N SER A 154 23.04 13.85 17.17
CA SER A 154 24.07 13.05 17.82
C SER A 154 24.34 11.74 17.08
N ALA A 155 23.28 11.08 16.61
CA ALA A 155 23.42 9.84 15.85
C ALA A 155 24.15 10.09 14.54
N TYR A 156 23.68 11.10 13.79
CA TYR A 156 24.30 11.46 12.52
C TYR A 156 25.76 11.86 12.69
N GLN A 157 26.06 12.65 13.71
CA GLN A 157 27.41 13.14 13.92
C GLN A 157 28.37 11.99 14.21
N GLU A 158 27.93 11.03 15.04
CA GLU A 158 28.76 9.88 15.34
C GLU A 158 29.03 9.07 14.07
N ALA A 159 27.98 8.89 13.26
CA ALA A 159 28.13 8.20 11.99
C ALA A 159 29.11 8.92 11.07
N MET A 160 29.00 10.26 11.02
CA MET A 160 29.89 11.07 10.19
C MET A 160 31.34 10.92 10.60
N ASP A 161 31.60 10.94 11.91
CA ASP A 161 32.96 10.82 12.44
C ASP A 161 33.60 9.49 12.08
N ILE A 162 32.84 8.40 12.18
CA ILE A 162 33.32 7.09 11.77
C ILE A 162 33.59 7.04 10.27
N SER A 163 32.62 7.53 9.47
CA SER A 163 32.72 7.44 8.02
C SER A 163 33.93 8.20 7.48
N LYS A 164 34.23 9.35 8.09
CA LYS A 164 35.39 10.14 7.70
C LYS A 164 36.72 9.45 8.02
N LYS A 165 36.74 8.67 9.11
CA LYS A 165 37.96 7.99 9.52
C LYS A 165 38.17 6.67 8.78
N GLU A 166 37.08 5.98 8.43
CA GLU A 166 37.17 4.58 8.05
C GLU A 166 36.74 4.25 6.62
N MET A 167 36.13 5.22 5.91
CA MET A 167 35.49 4.93 4.65
C MET A 167 35.92 5.92 3.58
N PRO A 168 36.08 5.49 2.31
CA PRO A 168 36.40 6.41 1.22
C PRO A 168 35.29 7.43 0.97
N PRO A 169 35.61 8.63 0.44
CA PRO A 169 34.60 9.68 0.25
C PRO A 169 33.47 9.35 -0.72
N THR A 170 33.68 8.38 -1.61
CA THR A 170 32.66 8.01 -2.58
C THR A 170 31.92 6.72 -2.19
N ASN A 171 32.17 6.23 -0.98
CA ASN A 171 31.45 5.07 -0.46
C ASN A 171 29.95 5.38 -0.38
N PRO A 172 29.07 4.48 -0.89
CA PRO A 172 27.64 4.75 -0.95
C PRO A 172 26.96 5.05 0.39
N ILE A 173 27.36 4.33 1.45
CA ILE A 173 26.78 4.54 2.76
C ILE A 173 27.23 5.88 3.35
N ARG A 174 28.53 6.18 3.22
CA ARG A 174 29.04 7.48 3.63
C ARG A 174 28.28 8.61 2.93
N LEU A 175 28.07 8.45 1.61
CA LEU A 175 27.35 9.42 0.82
C LEU A 175 25.90 9.56 1.26
N GLY A 176 25.21 8.42 1.42
CA GLY A 176 23.82 8.40 1.84
C GLY A 176 23.62 9.06 3.20
N LEU A 177 24.55 8.79 4.12
CA LEU A 177 24.58 9.45 5.42
C LEU A 177 24.70 10.96 5.28
N ALA A 178 25.66 11.42 4.46
CA ALA A 178 25.91 12.84 4.28
C ALA A 178 24.71 13.54 3.65
N LEU A 179 24.09 12.91 2.65
CA LEU A 179 22.87 13.42 2.05
C LEU A 179 21.78 13.64 3.11
N ASN A 180 21.51 12.60 3.92
CA ASN A 180 20.44 12.68 4.90
C ASN A 180 20.75 13.65 6.04
N PHE A 181 22.03 13.78 6.40
CA PHE A 181 22.42 14.75 7.41
C PHE A 181 22.23 16.17 6.89
N SER A 182 22.51 16.40 5.59
CA SER A 182 22.29 17.68 4.97
C SER A 182 20.79 18.03 4.93
N VAL A 183 19.95 17.04 4.69
CA VAL A 183 18.51 17.21 4.74
C VAL A 183 18.05 17.55 6.16
N PHE A 184 18.63 16.87 7.16
CA PHE A 184 18.38 17.19 8.56
C PHE A 184 18.68 18.66 8.84
N HIS A 185 19.84 19.12 8.38
CA HIS A 185 20.26 20.49 8.60
C HIS A 185 19.27 21.48 8.00
N TYR A 186 18.83 21.20 6.77
CA TYR A 186 17.98 22.11 6.03
C TYR A 186 16.54 22.10 6.51
N GLU A 187 15.98 20.90 6.69
CA GLU A 187 14.54 20.74 6.92
C GLU A 187 14.17 20.70 8.39
N ILE A 188 15.09 20.28 9.27
CA ILE A 188 14.78 20.08 10.68
C ILE A 188 15.45 21.12 11.57
N ALA A 189 16.75 21.35 11.38
CA ALA A 189 17.54 22.15 12.30
C ALA A 189 17.64 23.62 11.89
N ASN A 190 16.93 24.00 10.83
CA ASN A 190 16.91 25.38 10.34
C ASN A 190 18.34 25.90 10.12
N SER A 191 19.19 25.09 9.51
CA SER A 191 20.59 25.44 9.29
C SER A 191 20.93 25.31 7.82
N PRO A 192 20.39 26.19 6.94
CA PRO A 192 20.61 26.07 5.50
C PRO A 192 22.09 26.19 5.09
N GLU A 193 22.84 27.03 5.82
CA GLU A 193 24.24 27.24 5.51
C GLU A 193 25.03 25.94 5.70
N GLU A 194 24.80 25.27 6.83
CA GLU A 194 25.43 23.99 7.10
C GLU A 194 24.96 22.92 6.10
N ALA A 195 23.67 22.92 5.76
CA ALA A 195 23.12 21.97 4.80
C ALA A 195 23.83 22.08 3.44
N ILE A 196 23.95 23.31 2.94
CA ILE A 196 24.59 23.58 1.65
C ILE A 196 26.08 23.28 1.69
N SER A 197 26.75 23.72 2.77
CA SER A 197 28.19 23.50 2.89
C SER A 197 28.53 22.02 2.96
N LEU A 198 27.76 21.25 3.75
CA LEU A 198 27.97 19.82 3.85
C LEU A 198 27.73 19.15 2.49
N ALA A 199 26.61 19.48 1.84
CA ALA A 199 26.27 18.88 0.56
C ALA A 199 27.32 19.19 -0.51
N LYS A 200 27.77 20.45 -0.57
CA LYS A 200 28.77 20.87 -1.54
C LYS A 200 30.12 20.17 -1.31
N THR A 201 30.59 20.16 -0.06
CA THR A 201 31.83 19.48 0.28
C THR A 201 31.77 17.97 0.00
N THR A 202 30.66 17.34 0.38
CA THR A 202 30.45 15.92 0.13
C THR A 202 30.54 15.62 -1.36
N PHE A 203 29.85 16.44 -2.17
CA PHE A 203 29.83 16.24 -3.61
C PHE A 203 31.23 16.33 -4.21
N ASP A 204 31.95 17.41 -3.88
CA ASP A 204 33.27 17.66 -4.44
C ASP A 204 34.28 16.59 -4.05
N GLU A 205 34.30 16.24 -2.76
CA GLU A 205 35.23 15.22 -2.28
C GLU A 205 34.91 13.84 -2.87
N ALA A 206 33.63 13.54 -3.06
CA ALA A 206 33.21 12.30 -3.70
C ALA A 206 33.66 12.26 -5.15
N MET A 207 33.43 13.35 -5.88
CA MET A 207 33.77 13.40 -7.28
C MET A 207 35.28 13.29 -7.48
N ALA A 208 36.05 13.92 -6.59
CA ALA A 208 37.50 13.87 -6.63
C ALA A 208 38.07 12.44 -6.51
N ASP A 209 37.34 11.54 -5.83
CA ASP A 209 37.82 10.19 -5.62
C ASP A 209 37.01 9.13 -6.38
N LEU A 210 36.11 9.57 -7.25
CA LEU A 210 35.19 8.68 -7.96
C LEU A 210 35.92 7.62 -8.79
N HIS A 211 37.09 8.00 -9.33
CA HIS A 211 37.88 7.10 -10.15
C HIS A 211 38.42 5.88 -9.38
N THR A 212 38.40 5.95 -8.05
CA THR A 212 38.84 4.84 -7.20
C THR A 212 37.71 3.92 -6.76
N LEU A 213 36.46 4.35 -7.01
CA LEU A 213 35.29 3.63 -6.53
C LEU A 213 35.09 2.34 -7.33
N SER A 214 34.76 1.25 -6.64
CA SER A 214 34.50 -0.02 -7.29
C SER A 214 33.23 0.04 -8.14
N GLU A 215 33.19 -0.78 -9.19
CA GLU A 215 32.11 -0.71 -10.16
C GLU A 215 30.79 -1.16 -9.55
N ASP A 216 30.85 -2.03 -8.53
CA ASP A 216 29.63 -2.53 -7.90
C ASP A 216 28.90 -1.45 -7.10
N SER A 217 29.61 -0.39 -6.70
CA SER A 217 29.01 0.73 -5.98
C SER A 217 28.73 1.95 -6.84
N TYR A 218 29.12 1.92 -8.12
CA TYR A 218 29.07 3.08 -8.99
C TYR A 218 27.65 3.64 -9.15
N LYS A 219 26.67 2.76 -9.40
CA LYS A 219 25.30 3.19 -9.62
C LYS A 219 24.74 3.90 -8.38
N ASP A 220 24.91 3.27 -7.21
CA ASP A 220 24.36 3.80 -5.97
C ASP A 220 25.00 5.15 -5.63
N SER A 221 26.34 5.22 -5.73
CA SER A 221 27.06 6.43 -5.38
C SER A 221 26.71 7.61 -6.30
N THR A 222 26.58 7.35 -7.62
CA THR A 222 26.25 8.40 -8.57
C THR A 222 24.82 8.89 -8.36
N LEU A 223 23.90 8.00 -7.96
CA LEU A 223 22.55 8.39 -7.63
C LEU A 223 22.52 9.37 -6.45
N ILE A 224 23.24 9.04 -5.38
CA ILE A 224 23.32 9.94 -4.23
C ILE A 224 23.94 11.28 -4.61
N MET A 225 24.99 11.26 -5.43
CA MET A 225 25.64 12.48 -5.86
C MET A 225 24.70 13.37 -6.67
N GLN A 226 23.83 12.74 -7.47
CA GLN A 226 22.83 13.47 -8.24
C GLN A 226 21.83 14.15 -7.31
N LEU A 227 21.45 13.46 -6.23
CA LEU A 227 20.53 14.02 -5.26
C LEU A 227 21.17 15.17 -4.48
N LEU A 228 22.47 15.06 -4.18
CA LEU A 228 23.20 16.17 -3.57
C LEU A 228 23.10 17.39 -4.49
N ARG A 229 23.34 17.18 -5.78
CA ARG A 229 23.26 18.26 -6.76
C ARG A 229 21.85 18.84 -6.87
N ASP A 230 20.83 17.97 -6.89
CA ASP A 230 19.45 18.40 -6.99
C ASP A 230 19.05 19.26 -5.78
N ASN A 231 19.44 18.80 -4.59
CA ASN A 231 19.20 19.56 -3.37
C ASN A 231 19.91 20.91 -3.39
N LEU A 232 21.17 20.92 -3.83
CA LEU A 232 21.94 22.15 -3.88
C LEU A 232 21.26 23.20 -4.77
N THR A 233 20.76 22.74 -5.93
CA THR A 233 20.03 23.60 -6.85
C THR A 233 18.75 24.13 -6.21
N LEU A 234 18.04 23.27 -5.48
CA LEU A 234 16.83 23.67 -4.77
C LEU A 234 17.12 24.69 -3.68
N TRP A 235 18.23 24.51 -2.95
CA TRP A 235 18.54 25.32 -1.79
C TRP A 235 19.22 26.66 -2.08
N THR A 236 19.71 26.84 -3.31
CA THR A 236 20.41 28.06 -3.70
C THR A 236 19.69 28.79 -4.84
N ASP B 1 9.48 22.44 -3.52
CA ASP B 1 9.65 21.02 -3.27
C ASP B 1 10.29 20.76 -1.91
N ARG B 2 10.07 19.55 -1.38
CA ARG B 2 10.86 19.05 -0.27
C ARG B 2 12.23 18.63 -0.78
N SER B 3 13.21 18.68 0.12
CA SER B 3 14.53 18.14 -0.14
C SER B 3 14.43 16.62 -0.37
N SER B 4 15.32 16.08 -1.20
CA SER B 4 15.39 14.64 -1.41
C SER B 4 16.38 13.99 -0.45
N ALA B 6 17.98 9.93 0.85
CA ALA B 6 18.41 8.71 0.21
C ALA B 6 17.21 7.84 -0.13
N PRO B 7 17.09 7.32 -1.38
CA PRO B 7 15.96 6.48 -1.77
C PRO B 7 16.26 5.02 -1.43
N ASN B 8 15.28 4.13 -1.65
CA ASN B 8 15.55 2.70 -1.68
C ASN B 8 16.43 2.41 -2.89
N VAL B 9 17.49 1.61 -2.68
CA VAL B 9 18.27 1.10 -3.79
C VAL B 9 17.62 -0.21 -4.21
N GLY C 1 -11.49 5.46 18.91
CA GLY C 1 -12.03 4.11 18.78
C GLY C 1 -13.45 3.98 19.30
N ALA C 2 -14.10 2.85 18.98
CA ALA C 2 -15.49 2.59 19.30
C ALA C 2 -16.41 3.41 18.40
N MET C 3 -16.62 2.88 17.19
CA MET C 3 -17.31 3.60 16.13
C MET C 3 -18.82 3.63 16.31
N GLY C 4 -19.36 2.71 17.13
CA GLY C 4 -20.78 2.68 17.42
C GLY C 4 -21.32 3.99 17.99
N SER C 5 -20.51 4.64 18.83
CA SER C 5 -20.91 5.88 19.48
C SER C 5 -20.55 7.15 18.70
N MET C 6 -19.86 6.98 17.56
CA MET C 6 -19.39 8.12 16.78
C MET C 6 -20.51 8.65 15.89
N GLU C 7 -20.50 9.97 15.65
CA GLU C 7 -21.46 10.57 14.75
C GLU C 7 -21.25 10.00 13.34
N ARG C 8 -22.37 9.69 12.68
CA ARG C 8 -22.32 9.18 11.32
C ARG C 8 -21.58 10.16 10.41
N ALA C 9 -21.90 11.46 10.54
CA ALA C 9 -21.29 12.51 9.75
C ALA C 9 -19.77 12.55 9.93
N SER C 10 -19.30 12.29 11.16
CA SER C 10 -17.87 12.26 11.43
C SER C 10 -17.18 11.07 10.76
N LEU C 11 -17.85 9.91 10.75
CA LEU C 11 -17.32 8.73 10.10
C LEU C 11 -17.19 8.92 8.59
N ILE C 12 -18.21 9.55 7.98
CA ILE C 12 -18.17 9.85 6.56
C ILE C 12 -17.02 10.82 6.25
N GLN C 13 -16.88 11.86 7.08
CA GLN C 13 -15.82 12.85 6.89
C GLN C 13 -14.44 12.20 7.00
N LYS C 14 -14.26 11.32 7.99
CA LYS C 14 -13.00 10.64 8.17
C LYS C 14 -12.70 9.66 7.02
N ALA C 15 -13.74 9.03 6.47
CA ALA C 15 -13.56 8.23 5.28
C ALA C 15 -13.03 9.06 4.11
N LYS C 16 -13.56 10.28 3.94
CA LYS C 16 -13.10 11.16 2.88
C LYS C 16 -11.65 11.62 3.11
N LEU C 17 -11.29 11.88 4.37
CA LEU C 17 -9.92 12.23 4.72
C LEU C 17 -8.97 11.08 4.43
N ALA C 18 -9.38 9.86 4.84
CA ALA C 18 -8.60 8.66 4.59
C ALA C 18 -8.38 8.43 3.10
N GLU C 19 -9.41 8.67 2.29
CA GLU C 19 -9.28 8.58 0.84
C GLU C 19 -8.18 9.52 0.35
N GLN C 20 -8.19 10.77 0.81
CA GLN C 20 -7.22 11.76 0.39
C GLN C 20 -5.79 11.38 0.81
N ALA C 21 -5.66 10.69 1.94
CA ALA C 21 -4.38 10.24 2.45
C ALA C 21 -3.94 8.90 1.88
N GLU C 22 -4.80 8.30 1.03
CA GLU C 22 -4.59 7.00 0.44
C GLU C 22 -4.42 5.94 1.53
N ARG C 23 -5.22 6.09 2.60
CA ARG C 23 -5.26 5.16 3.71
C ARG C 23 -6.52 4.30 3.60
N TYR C 24 -6.49 3.29 2.72
CA TYR C 24 -7.73 2.64 2.28
C TYR C 24 -8.29 1.68 3.32
N GLU C 25 -7.41 1.06 4.11
CA GLU C 25 -7.85 0.24 5.23
C GLU C 25 -8.62 1.06 6.26
N ASP C 26 -8.08 2.22 6.64
CA ASP C 26 -8.78 3.16 7.51
C ASP C 26 -10.11 3.57 6.89
N MET C 27 -10.06 3.94 5.60
CA MET C 27 -11.24 4.39 4.88
C MET C 27 -12.34 3.33 4.95
N ALA C 28 -11.96 2.07 4.75
CA ALA C 28 -12.92 0.97 4.79
C ALA C 28 -13.51 0.81 6.19
N ALA C 29 -12.66 0.91 7.22
CA ALA C 29 -13.09 0.82 8.61
C ALA C 29 -14.09 1.92 8.98
N PHE C 30 -13.82 3.15 8.53
CA PHE C 30 -14.75 4.25 8.75
C PHE C 30 -16.10 4.03 8.06
N MET C 31 -16.08 3.49 6.83
CA MET C 31 -17.30 3.28 6.09
C MET C 31 -18.10 2.12 6.69
N LYS C 32 -17.39 1.09 7.18
CA LYS C 32 -18.04 0.02 7.92
C LYS C 32 -18.77 0.56 9.14
N GLY C 33 -18.10 1.46 9.87
CA GLY C 33 -18.72 2.14 11.00
C GLY C 33 -19.96 2.94 10.60
N ALA C 34 -19.89 3.61 9.43
CA ALA C 34 -21.00 4.39 8.95
C ALA C 34 -22.19 3.51 8.60
N VAL C 35 -21.92 2.37 7.95
CA VAL C 35 -22.98 1.42 7.64
C VAL C 35 -23.67 0.94 8.92
N GLU C 36 -22.87 0.68 9.96
CA GLU C 36 -23.38 0.15 11.21
C GLU C 36 -24.19 1.15 12.04
N LYS C 37 -24.21 2.43 11.60
CA LYS C 37 -25.11 3.40 12.20
C LYS C 37 -26.56 3.10 11.80
N GLY C 38 -26.76 2.31 10.75
CA GLY C 38 -28.05 1.72 10.45
C GLY C 38 -28.92 2.48 9.45
N GLU C 39 -28.40 3.59 8.90
CA GLU C 39 -29.13 4.34 7.89
C GLU C 39 -28.64 3.94 6.50
N GLU C 40 -29.50 4.11 5.49
CA GLU C 40 -29.12 3.83 4.12
C GLU C 40 -27.95 4.71 3.68
N LEU C 41 -27.20 4.23 2.69
CA LEU C 41 -26.13 5.02 2.08
C LEU C 41 -26.64 5.70 0.82
N SER C 42 -26.25 6.95 0.62
CA SER C 42 -26.49 7.65 -0.64
C SER C 42 -25.58 7.10 -1.73
N CYS C 43 -25.81 7.55 -2.96
CA CYS C 43 -24.94 7.21 -4.09
C CYS C 43 -23.48 7.57 -3.80
N GLU C 44 -23.25 8.78 -3.28
CA GLU C 44 -21.90 9.22 -2.92
C GLU C 44 -21.26 8.32 -1.86
N GLU C 45 -22.05 7.94 -0.84
CA GLU C 45 -21.54 7.14 0.26
C GLU C 45 -21.27 5.71 -0.19
N ARG C 46 -22.12 5.18 -1.07
CA ARG C 46 -21.87 3.88 -1.67
C ARG C 46 -20.57 3.87 -2.46
N ASN C 47 -20.25 4.98 -3.12
CA ASN C 47 -18.97 5.11 -3.82
C ASN C 47 -17.80 5.04 -2.85
N LEU C 48 -17.90 5.72 -1.71
CA LEU C 48 -16.86 5.67 -0.69
C LEU C 48 -16.65 4.25 -0.19
N LEU C 49 -17.75 3.55 0.13
CA LEU C 49 -17.70 2.17 0.59
C LEU C 49 -17.00 1.29 -0.44
N SER C 50 -17.39 1.48 -1.71
CA SER C 50 -16.87 0.69 -2.82
C SER C 50 -15.37 0.90 -3.04
N VAL C 51 -14.96 2.17 -3.15
CA VAL C 51 -13.57 2.53 -3.37
C VAL C 51 -12.69 1.97 -2.26
N ALA C 52 -13.13 2.11 -1.00
CA ALA C 52 -12.32 1.69 0.14
C ALA C 52 -12.01 0.21 0.08
N TYR C 53 -13.06 -0.63 0.04
CA TYR C 53 -12.86 -2.07 0.05
C TYR C 53 -12.22 -2.58 -1.25
N LYS C 54 -12.57 -1.98 -2.39
CA LYS C 54 -11.95 -2.37 -3.65
C LYS C 54 -10.44 -2.19 -3.63
N ASN C 55 -9.97 -1.08 -3.04
CA ASN C 55 -8.54 -0.82 -2.94
C ASN C 55 -7.86 -1.79 -1.98
N VAL C 56 -8.52 -2.10 -0.85
CA VAL C 56 -7.96 -3.05 0.10
C VAL C 56 -7.84 -4.42 -0.54
N VAL C 57 -8.94 -4.95 -1.09
CA VAL C 57 -8.93 -6.30 -1.63
C VAL C 57 -8.10 -6.34 -2.91
N GLY C 58 -8.04 -5.21 -3.63
CA GLY C 58 -7.21 -5.10 -4.83
C GLY C 58 -5.73 -5.32 -4.56
N GLY C 59 -5.21 -4.70 -3.49
CA GLY C 59 -3.84 -4.92 -3.06
C GLY C 59 -3.57 -6.36 -2.65
N GLN C 60 -4.54 -6.98 -1.95
CA GLN C 60 -4.41 -8.36 -1.52
C GLN C 60 -4.46 -9.33 -2.70
N ARG C 61 -5.33 -9.06 -3.68
CA ARG C 61 -5.43 -9.87 -4.88
C ARG C 61 -4.14 -9.82 -5.69
N ALA C 62 -3.58 -8.62 -5.85
CA ALA C 62 -2.31 -8.45 -6.55
C ALA C 62 -1.19 -9.24 -5.87
N ALA C 63 -1.13 -9.17 -4.54
CA ALA C 63 -0.11 -9.86 -3.78
C ALA C 63 -0.28 -11.38 -3.86
N TRP C 64 -1.54 -11.83 -3.71
CA TRP C 64 -1.85 -13.25 -3.85
C TRP C 64 -1.39 -13.79 -5.21
N ARG C 65 -1.65 -13.04 -6.30
CA ARG C 65 -1.28 -13.49 -7.63
C ARG C 65 0.22 -13.61 -7.81
N VAL C 66 0.97 -12.64 -7.27
CA VAL C 66 2.43 -12.70 -7.29
C VAL C 66 2.93 -13.96 -6.57
N LEU C 67 2.40 -14.21 -5.37
CA LEU C 67 2.84 -15.33 -4.54
C LEU C 67 2.43 -16.68 -5.14
N SER C 68 1.20 -16.74 -5.68
CA SER C 68 0.74 -17.95 -6.33
C SER C 68 1.58 -18.31 -7.54
N SER C 69 1.99 -17.29 -8.31
CA SER C 69 2.86 -17.50 -9.44
C SER C 69 4.23 -18.06 -9.01
N ILE C 70 4.82 -17.46 -7.96
CA ILE C 70 6.09 -17.94 -7.46
C ILE C 70 5.98 -19.37 -6.93
N GLU C 71 4.88 -19.67 -6.24
CA GLU C 71 4.61 -20.98 -5.68
C GLU C 71 4.56 -22.05 -6.75
N GLN C 72 3.82 -21.77 -7.84
CA GLN C 72 3.68 -22.72 -8.93
C GLN C 72 4.98 -22.91 -9.71
N LYS C 73 5.77 -21.83 -9.85
CA LYS C 73 7.04 -21.89 -10.54
C LYS C 73 8.01 -22.74 -9.75
N SER C 74 8.00 -22.56 -8.42
CA SER C 74 8.79 -23.38 -7.52
C SER C 74 8.40 -24.84 -7.65
N ASN C 75 7.11 -25.12 -7.44
CA ASN C 75 6.60 -26.49 -7.47
C ASN C 75 6.92 -27.23 -8.77
N GLU C 76 6.72 -26.57 -9.91
CA GLU C 76 6.92 -27.20 -11.22
C GLU C 76 8.40 -27.42 -11.50
N GLU C 77 9.26 -26.52 -11.02
CA GLU C 77 10.69 -26.75 -11.09
C GLU C 77 11.01 -28.05 -10.37
N GLY C 78 10.27 -28.32 -9.29
CA GLY C 78 10.28 -29.61 -8.63
C GLY C 78 11.52 -29.86 -7.79
N SER C 79 12.26 -28.78 -7.48
CA SER C 79 13.46 -28.87 -6.66
C SER C 79 13.14 -29.42 -5.27
N GLU C 80 14.13 -30.12 -4.69
CA GLU C 80 13.92 -30.87 -3.47
C GLU C 80 13.77 -29.97 -2.23
N GLU C 81 14.15 -28.69 -2.34
CA GLU C 81 14.27 -27.81 -1.17
C GLU C 81 13.22 -26.73 -1.04
N LYS C 82 13.04 -25.91 -2.09
CA LYS C 82 12.25 -24.69 -1.97
C LYS C 82 10.77 -24.94 -2.27
N GLY C 83 9.89 -24.14 -1.65
CA GLY C 83 8.45 -24.31 -1.80
C GLY C 83 7.60 -24.09 -0.55
N PRO C 84 8.01 -24.60 0.63
CA PRO C 84 7.18 -24.50 1.84
C PRO C 84 6.94 -23.07 2.33
N GLU C 85 7.97 -22.22 2.26
CA GLU C 85 7.85 -20.85 2.73
C GLU C 85 6.85 -20.05 1.90
N VAL C 86 6.96 -20.15 0.58
CA VAL C 86 6.09 -19.40 -0.31
C VAL C 86 4.65 -19.89 -0.19
N ARG C 87 4.47 -21.21 -0.02
CA ARG C 87 3.14 -21.76 0.23
C ARG C 87 2.54 -21.17 1.49
N GLU C 88 3.27 -21.21 2.61
CA GLU C 88 2.80 -20.68 3.88
C GLU C 88 2.43 -19.21 3.77
N TYR C 89 3.28 -18.42 3.10
CA TYR C 89 3.04 -16.98 3.02
C TYR C 89 1.87 -16.67 2.07
N ARG C 90 1.75 -17.43 0.98
CA ARG C 90 0.58 -17.33 0.12
C ARG C 90 -0.69 -17.63 0.93
N GLU C 91 -0.65 -18.67 1.77
CA GLU C 91 -1.79 -19.01 2.62
C GLU C 91 -2.14 -17.89 3.58
N LYS C 92 -1.12 -17.24 4.16
CA LYS C 92 -1.34 -16.12 5.05
C LYS C 92 -2.06 -14.96 4.35
N VAL C 93 -1.57 -14.60 3.16
CA VAL C 93 -2.17 -13.50 2.41
C VAL C 93 -3.60 -13.86 2.01
N GLU C 94 -3.78 -15.10 1.57
CA GLU C 94 -5.09 -15.63 1.20
C GLU C 94 -6.11 -15.54 2.33
N THR C 95 -5.69 -15.90 3.55
CA THR C 95 -6.56 -15.87 4.71
C THR C 95 -7.01 -14.43 5.02
N GLU C 96 -6.10 -13.47 4.89
CA GLU C 96 -6.43 -12.07 5.08
C GLU C 96 -7.42 -11.56 4.03
N LEU C 97 -7.20 -11.96 2.77
CA LEU C 97 -8.09 -11.62 1.67
C LEU C 97 -9.49 -12.17 1.90
N GLN C 98 -9.57 -13.42 2.34
CA GLN C 98 -10.84 -14.05 2.65
C GLN C 98 -11.54 -13.33 3.81
N GLY C 99 -10.77 -12.88 4.79
CA GLY C 99 -11.31 -12.11 5.90
C GLY C 99 -11.96 -10.80 5.48
N VAL C 100 -11.34 -10.06 4.55
CA VAL C 100 -11.90 -8.82 4.04
C VAL C 100 -13.18 -9.13 3.24
N CYS C 101 -13.15 -10.16 2.40
CA CYS C 101 -14.32 -10.56 1.63
C CYS C 101 -15.49 -10.91 2.55
N ASP C 102 -15.21 -11.71 3.59
CA ASP C 102 -16.22 -12.09 4.56
C ASP C 102 -16.81 -10.88 5.28
N THR C 103 -15.98 -9.88 5.58
CA THR C 103 -16.44 -8.65 6.21
C THR C 103 -17.44 -7.90 5.32
N VAL C 104 -17.09 -7.78 4.03
CA VAL C 104 -17.95 -7.09 3.07
C VAL C 104 -19.26 -7.84 2.88
N LEU C 105 -19.19 -9.15 2.64
CA LEU C 105 -20.38 -9.96 2.46
C LEU C 105 -21.25 -9.92 3.72
N GLY C 106 -20.61 -9.89 4.89
CA GLY C 106 -21.30 -9.75 6.15
C GLY C 106 -22.09 -8.45 6.27
N LEU C 107 -21.48 -7.33 5.86
CA LEU C 107 -22.14 -6.04 5.84
C LEU C 107 -23.31 -6.00 4.86
N LEU C 108 -23.09 -6.55 3.66
CA LEU C 108 -24.13 -6.60 2.65
C LEU C 108 -25.34 -7.35 3.18
N ASP C 109 -25.10 -8.52 3.81
CA ASP C 109 -26.16 -9.36 4.33
C ASP C 109 -26.87 -8.78 5.56
N SER C 110 -26.10 -8.22 6.49
CA SER C 110 -26.66 -7.78 7.76
C SER C 110 -27.31 -6.41 7.70
N HIS C 111 -26.82 -5.52 6.81
CA HIS C 111 -27.23 -4.12 6.81
C HIS C 111 -27.74 -3.54 5.49
N LEU C 112 -27.13 -3.93 4.36
CA LEU C 112 -27.26 -3.15 3.14
C LEU C 112 -28.30 -3.69 2.16
N ILE C 113 -28.28 -4.99 1.87
CA ILE C 113 -29.16 -5.56 0.86
C ILE C 113 -30.64 -5.51 1.25
N LYS C 114 -31.00 -6.12 2.39
CA LYS C 114 -32.39 -6.09 2.84
C LYS C 114 -32.96 -4.67 2.88
N GLU C 115 -32.21 -3.76 3.51
CA GLU C 115 -32.70 -2.44 3.85
C GLU C 115 -32.70 -1.44 2.70
N ALA C 116 -32.19 -1.83 1.52
CA ALA C 116 -32.17 -0.94 0.37
C ALA C 116 -33.56 -0.74 -0.23
N GLY C 117 -33.91 0.53 -0.48
CA GLY C 117 -35.20 0.86 -1.06
C GLY C 117 -35.20 0.72 -2.58
N ASP C 118 -34.55 1.68 -3.25
CA ASP C 118 -34.68 1.80 -4.69
C ASP C 118 -33.89 0.72 -5.43
N ALA C 119 -34.22 0.56 -6.71
CA ALA C 119 -33.63 -0.48 -7.55
C ALA C 119 -32.14 -0.25 -7.72
N GLU C 120 -31.75 1.01 -7.88
CA GLU C 120 -30.36 1.36 -8.11
C GLU C 120 -29.46 0.87 -6.97
N SER C 121 -29.88 1.12 -5.72
CA SER C 121 -29.09 0.68 -4.58
C SER C 121 -29.14 -0.85 -4.44
N ARG C 122 -30.29 -1.47 -4.68
CA ARG C 122 -30.41 -2.91 -4.63
C ARG C 122 -29.48 -3.59 -5.63
N VAL C 123 -29.48 -3.11 -6.88
CA VAL C 123 -28.61 -3.66 -7.91
C VAL C 123 -27.14 -3.47 -7.54
N PHE C 124 -26.80 -2.28 -7.02
CA PHE C 124 -25.44 -2.00 -6.63
C PHE C 124 -24.90 -2.98 -5.59
N TYR C 125 -25.71 -3.25 -4.55
CA TYR C 125 -25.29 -4.12 -3.47
C TYR C 125 -25.26 -5.59 -3.88
N LEU C 126 -26.20 -6.01 -4.74
CA LEU C 126 -26.21 -7.37 -5.24
C LEU C 126 -25.03 -7.61 -6.18
N LYS C 127 -24.69 -6.60 -6.99
CA LYS C 127 -23.46 -6.63 -7.77
C LYS C 127 -22.25 -6.82 -6.87
N MET C 128 -22.18 -6.04 -5.78
CA MET C 128 -21.05 -6.08 -4.87
C MET C 128 -20.94 -7.46 -4.22
N LYS C 129 -22.08 -8.07 -3.87
CA LYS C 129 -22.12 -9.43 -3.36
C LYS C 129 -21.52 -10.40 -4.36
N GLY C 130 -21.95 -10.30 -5.63
CA GLY C 130 -21.36 -11.06 -6.71
C GLY C 130 -19.85 -10.89 -6.80
N ASP C 131 -19.38 -9.64 -6.74
CA ASP C 131 -17.97 -9.33 -6.85
C ASP C 131 -17.13 -9.99 -5.75
N TYR C 132 -17.58 -9.90 -4.50
CA TYR C 132 -16.77 -10.39 -3.39
C TYR C 132 -16.82 -11.92 -3.27
N TYR C 133 -17.91 -12.55 -3.73
CA TYR C 133 -17.89 -13.99 -3.91
C TYR C 133 -16.95 -14.38 -5.05
N ARG C 134 -16.90 -13.56 -6.11
CA ARG C 134 -15.97 -13.81 -7.20
C ARG C 134 -14.51 -13.74 -6.72
N TYR C 135 -14.19 -12.77 -5.88
CA TYR C 135 -12.84 -12.67 -5.33
C TYR C 135 -12.52 -13.88 -4.44
N LEU C 136 -13.51 -14.35 -3.67
CA LEU C 136 -13.34 -15.59 -2.92
C LEU C 136 -13.12 -16.78 -3.85
N ALA C 137 -13.82 -16.79 -4.98
CA ALA C 137 -13.69 -17.88 -5.95
C ALA C 137 -12.31 -17.93 -6.59
N GLU C 138 -11.67 -16.76 -6.76
CA GLU C 138 -10.35 -16.70 -7.36
C GLU C 138 -9.32 -17.52 -6.59
N VAL C 139 -9.49 -17.62 -5.27
CA VAL C 139 -8.54 -18.34 -4.43
C VAL C 139 -9.07 -19.66 -3.88
N ALA C 140 -10.34 -19.99 -4.17
CA ALA C 140 -10.96 -21.20 -3.66
C ALA C 140 -10.49 -22.42 -4.46
N THR C 141 -10.35 -23.57 -3.78
CA THR C 141 -9.90 -24.79 -4.42
C THR C 141 -10.71 -26.05 -4.13
N GLY C 142 -11.42 -26.08 -3.00
CA GLY C 142 -12.11 -27.30 -2.57
C GLY C 142 -13.43 -27.56 -3.30
N ASP C 143 -14.35 -28.24 -2.59
CA ASP C 143 -15.73 -28.33 -3.02
C ASP C 143 -16.46 -27.04 -2.62
N ASP C 144 -15.89 -26.32 -1.64
CA ASP C 144 -16.31 -24.98 -1.30
C ASP C 144 -16.28 -24.05 -2.52
N LYS C 145 -15.36 -24.34 -3.46
CA LYS C 145 -15.26 -23.56 -4.69
C LYS C 145 -16.57 -23.55 -5.46
N LYS C 146 -17.17 -24.74 -5.65
CA LYS C 146 -18.41 -24.86 -6.38
C LYS C 146 -19.51 -24.03 -5.72
N ARG C 147 -19.62 -24.13 -4.39
CA ARG C 147 -20.61 -23.37 -3.64
C ARG C 147 -20.39 -21.86 -3.76
N ILE C 148 -19.13 -21.43 -3.69
CA ILE C 148 -18.78 -20.02 -3.81
C ILE C 148 -19.19 -19.47 -5.18
N ILE C 149 -18.88 -20.24 -6.24
CA ILE C 149 -19.22 -19.86 -7.60
C ILE C 149 -20.73 -19.72 -7.77
N ASP C 150 -21.50 -20.66 -7.19
CA ASP C 150 -22.95 -20.61 -7.24
C ASP C 150 -23.52 -19.40 -6.53
N SER C 151 -22.90 -19.01 -5.40
CA SER C 151 -23.28 -17.82 -4.67
C SER C 151 -23.05 -16.54 -5.48
N ALA C 152 -21.90 -16.47 -6.18
CA ALA C 152 -21.60 -15.35 -7.06
C ALA C 152 -22.63 -15.26 -8.19
N ARG C 153 -22.84 -16.39 -8.88
CA ARG C 153 -23.78 -16.44 -10.00
C ARG C 153 -25.19 -16.00 -9.57
N SER C 154 -25.65 -16.52 -8.43
CA SER C 154 -26.99 -16.21 -7.93
C SER C 154 -27.14 -14.72 -7.60
N ALA C 155 -26.10 -14.13 -6.99
CA ALA C 155 -26.12 -12.70 -6.69
C ALA C 155 -26.18 -11.87 -7.97
N TYR C 156 -25.27 -12.17 -8.92
CA TYR C 156 -25.23 -11.47 -10.19
C TYR C 156 -26.54 -11.60 -10.97
N GLN C 157 -27.10 -12.81 -11.01
CA GLN C 157 -28.30 -13.04 -11.78
C GLN C 157 -29.48 -12.23 -11.22
N GLU C 158 -29.60 -12.19 -9.89
CA GLU C 158 -30.68 -11.42 -9.27
C GLU C 158 -30.50 -9.94 -9.59
N ALA C 159 -29.26 -9.45 -9.52
CA ALA C 159 -28.96 -8.07 -9.87
C ALA C 159 -29.32 -7.77 -11.33
N MET C 160 -28.97 -8.70 -12.23
CA MET C 160 -29.27 -8.55 -13.65
C MET C 160 -30.77 -8.44 -13.91
N ASP C 161 -31.55 -9.31 -13.25
CA ASP C 161 -33.00 -9.33 -13.43
C ASP C 161 -33.65 -8.01 -13.00
N ILE C 162 -33.21 -7.46 -11.87
CA ILE C 162 -33.70 -6.18 -11.41
C ILE C 162 -33.28 -5.06 -12.37
N SER C 163 -32.01 -5.05 -12.77
CA SER C 163 -31.49 -3.96 -13.61
C SER C 163 -32.20 -3.90 -14.96
N LYS C 164 -32.53 -5.06 -15.52
CA LYS C 164 -33.27 -5.14 -16.78
C LYS C 164 -34.69 -4.59 -16.66
N LYS C 165 -35.31 -4.78 -15.49
CA LYS C 165 -36.68 -4.33 -15.26
C LYS C 165 -36.78 -2.87 -14.87
N GLU C 166 -35.75 -2.35 -14.18
CA GLU C 166 -35.86 -1.08 -13.49
C GLU C 166 -34.94 0.04 -13.96
N MET C 167 -33.95 -0.28 -14.81
CA MET C 167 -32.88 0.66 -15.10
C MET C 167 -32.62 0.74 -16.60
N PRO C 168 -32.29 1.94 -17.14
CA PRO C 168 -31.97 2.07 -18.56
C PRO C 168 -30.71 1.31 -18.93
N PRO C 169 -30.56 0.87 -20.21
CA PRO C 169 -29.39 0.10 -20.62
C PRO C 169 -28.04 0.84 -20.55
N THR C 170 -28.09 2.18 -20.47
CA THR C 170 -26.89 3.00 -20.37
C THR C 170 -26.55 3.41 -18.94
N ASN C 171 -27.33 2.93 -17.97
CA ASN C 171 -27.08 3.25 -16.58
C ASN C 171 -25.74 2.69 -16.15
N PRO C 172 -24.88 3.50 -15.48
CA PRO C 172 -23.53 3.06 -15.11
C PRO C 172 -23.45 1.81 -14.24
N ILE C 173 -24.37 1.70 -13.27
CA ILE C 173 -24.40 0.56 -12.37
C ILE C 173 -24.83 -0.71 -13.12
N ARG C 174 -25.87 -0.60 -13.95
CA ARG C 174 -26.29 -1.71 -14.79
C ARG C 174 -25.14 -2.16 -15.68
N LEU C 175 -24.43 -1.21 -16.29
CA LEU C 175 -23.28 -1.52 -17.14
C LEU C 175 -22.15 -2.19 -16.37
N GLY C 176 -21.79 -1.60 -15.22
CA GLY C 176 -20.75 -2.15 -14.36
C GLY C 176 -21.05 -3.58 -13.91
N LEU C 177 -22.31 -3.84 -13.55
CA LEU C 177 -22.79 -5.16 -13.23
C LEU C 177 -22.58 -6.14 -14.39
N ALA C 178 -23.01 -5.74 -15.58
CA ALA C 178 -22.93 -6.58 -16.76
C ALA C 178 -21.48 -6.90 -17.12
N LEU C 179 -20.61 -5.88 -17.05
CA LEU C 179 -19.18 -6.09 -17.25
C LEU C 179 -18.62 -7.15 -16.31
N ASN C 180 -18.89 -6.99 -15.01
CA ASN C 180 -18.33 -7.90 -14.02
C ASN C 180 -18.93 -9.30 -14.11
N PHE C 181 -20.20 -9.41 -14.50
CA PHE C 181 -20.81 -10.71 -14.68
C PHE C 181 -20.17 -11.43 -15.87
N SER C 182 -19.86 -10.67 -16.94
CA SER C 182 -19.19 -11.23 -18.09
C SER C 182 -17.78 -11.73 -17.74
N VAL C 183 -17.08 -10.98 -16.87
CA VAL C 183 -15.79 -11.40 -16.37
C VAL C 183 -15.91 -12.68 -15.53
N PHE C 184 -16.94 -12.74 -14.68
CA PHE C 184 -17.25 -13.95 -13.92
C PHE C 184 -17.39 -15.16 -14.86
N HIS C 185 -18.17 -14.99 -15.93
CA HIS C 185 -18.42 -16.07 -16.87
C HIS C 185 -17.11 -16.56 -17.49
N TYR C 186 -16.25 -15.61 -17.88
CA TYR C 186 -15.04 -15.93 -18.60
C TYR C 186 -13.94 -16.51 -17.70
N GLU C 187 -13.71 -15.84 -16.56
CA GLU C 187 -12.55 -16.12 -15.73
C GLU C 187 -12.83 -17.15 -14.63
N ILE C 188 -14.09 -17.26 -14.20
CA ILE C 188 -14.43 -18.07 -13.04
C ILE C 188 -15.22 -19.32 -13.41
N ALA C 189 -16.27 -19.15 -14.22
CA ALA C 189 -17.22 -20.21 -14.52
C ALA C 189 -16.89 -20.99 -15.78
N ASN C 190 -15.73 -20.66 -16.40
CA ASN C 190 -15.29 -21.31 -17.62
C ASN C 190 -16.37 -21.34 -18.69
N SER C 191 -17.07 -20.22 -18.88
CA SER C 191 -18.15 -20.11 -19.83
C SER C 191 -17.88 -18.96 -20.81
N PRO C 192 -16.89 -19.10 -21.72
CA PRO C 192 -16.51 -18.01 -22.62
C PRO C 192 -17.64 -17.57 -23.56
N GLU C 193 -18.48 -18.52 -23.98
CA GLU C 193 -19.59 -18.22 -24.88
C GLU C 193 -20.58 -17.28 -24.21
N GLU C 194 -20.95 -17.58 -22.97
CA GLU C 194 -21.84 -16.72 -22.20
C GLU C 194 -21.19 -15.36 -21.91
N ALA C 195 -19.88 -15.36 -21.61
CA ALA C 195 -19.15 -14.13 -21.36
C ALA C 195 -19.22 -13.18 -22.55
N ILE C 196 -18.91 -13.74 -23.74
CA ILE C 196 -18.92 -12.96 -24.98
C ILE C 196 -20.32 -12.50 -25.36
N SER C 197 -21.30 -13.40 -25.24
CA SER C 197 -22.67 -13.07 -25.59
C SER C 197 -23.23 -11.96 -24.69
N LEU C 198 -22.98 -12.05 -23.39
CA LEU C 198 -23.44 -11.03 -22.46
C LEU C 198 -22.76 -9.69 -22.75
N ALA C 199 -21.43 -9.71 -22.92
CA ALA C 199 -20.68 -8.50 -23.18
C ALA C 199 -21.11 -7.82 -24.49
N LYS C 200 -21.30 -8.63 -25.53
CA LYS C 200 -21.72 -8.13 -26.83
C LYS C 200 -23.13 -7.52 -26.78
N THR C 201 -24.08 -8.23 -26.17
CA THR C 201 -25.44 -7.72 -26.02
C THR C 201 -25.49 -6.43 -25.20
N THR C 202 -24.75 -6.42 -24.08
CA THR C 202 -24.68 -5.24 -23.23
C THR C 202 -24.17 -4.03 -24.00
N PHE C 203 -23.09 -4.24 -24.76
CA PHE C 203 -22.48 -3.17 -25.54
C PHE C 203 -23.46 -2.61 -26.58
N ASP C 204 -24.08 -3.51 -27.37
CA ASP C 204 -24.99 -3.09 -28.43
C ASP C 204 -26.22 -2.36 -27.90
N GLU C 205 -26.83 -2.89 -26.83
CA GLU C 205 -28.02 -2.26 -26.25
C GLU C 205 -27.69 -0.90 -25.62
N ALA C 206 -26.48 -0.78 -25.04
CA ALA C 206 -26.02 0.49 -24.50
C ALA C 206 -25.79 1.50 -25.63
N MET C 207 -25.13 1.07 -26.70
CA MET C 207 -24.81 1.94 -27.81
C MET C 207 -26.10 2.42 -28.50
N ALA C 208 -27.10 1.53 -28.60
CA ALA C 208 -28.38 1.86 -29.20
C ALA C 208 -29.12 2.99 -28.48
N ASP C 209 -28.89 3.14 -27.17
CA ASP C 209 -29.57 4.16 -26.38
C ASP C 209 -28.66 5.28 -25.91
N LEU C 210 -27.42 5.31 -26.43
CA LEU C 210 -26.40 6.25 -25.97
C LEU C 210 -26.82 7.72 -26.10
N HIS C 211 -27.60 8.01 -27.14
CA HIS C 211 -28.07 9.37 -27.38
C HIS C 211 -29.01 9.90 -26.29
N THR C 212 -29.55 9.00 -25.46
CA THR C 212 -30.43 9.38 -24.38
C THR C 212 -29.70 9.59 -23.05
N LEU C 213 -28.43 9.16 -22.99
CA LEU C 213 -27.68 9.12 -21.75
C LEU C 213 -27.32 10.52 -21.26
N SER C 214 -27.56 10.79 -19.97
CA SER C 214 -27.38 12.12 -19.42
C SER C 214 -25.89 12.42 -19.32
N GLU C 215 -25.54 13.71 -19.38
CA GLU C 215 -24.15 14.13 -19.40
C GLU C 215 -23.42 13.77 -18.11
N ASP C 216 -24.16 13.75 -17.00
CA ASP C 216 -23.61 13.46 -15.69
C ASP C 216 -23.07 12.03 -15.58
N SER C 217 -23.63 11.09 -16.35
CA SER C 217 -23.17 9.71 -16.31
C SER C 217 -22.39 9.30 -17.56
N TYR C 218 -22.19 10.25 -18.48
CA TYR C 218 -21.63 9.95 -19.79
C TYR C 218 -20.22 9.35 -19.70
N LYS C 219 -19.36 9.98 -18.90
CA LYS C 219 -17.99 9.52 -18.73
C LYS C 219 -17.93 8.09 -18.21
N ASP C 220 -18.65 7.83 -17.12
CA ASP C 220 -18.62 6.53 -16.47
C ASP C 220 -19.12 5.44 -17.42
N SER C 221 -20.27 5.69 -18.05
CA SER C 221 -20.90 4.70 -18.91
C SER C 221 -20.06 4.38 -20.15
N THR C 222 -19.44 5.40 -20.76
CA THR C 222 -18.61 5.19 -21.94
C THR C 222 -17.32 4.45 -21.57
N LEU C 223 -16.80 4.68 -20.37
CA LEU C 223 -15.65 3.94 -19.88
C LEU C 223 -15.97 2.44 -19.78
N ILE C 224 -17.12 2.10 -19.18
CA ILE C 224 -17.51 0.70 -19.07
C ILE C 224 -17.69 0.09 -20.45
N MET C 225 -18.30 0.83 -21.37
CA MET C 225 -18.52 0.32 -22.72
C MET C 225 -17.19 0.04 -23.43
N GLN C 226 -16.18 0.88 -23.18
CA GLN C 226 -14.85 0.68 -23.72
C GLN C 226 -14.23 -0.61 -23.17
N LEU C 227 -14.43 -0.88 -21.88
CA LEU C 227 -13.92 -2.09 -21.26
C LEU C 227 -14.62 -3.33 -21.78
N LEU C 228 -15.93 -3.23 -22.06
CA LEU C 228 -16.64 -4.30 -22.71
C LEU C 228 -15.98 -4.63 -24.05
N ARG C 229 -15.69 -3.58 -24.83
CA ARG C 229 -15.03 -3.74 -26.11
C ARG C 229 -13.63 -4.32 -25.98
N ASP C 230 -12.86 -3.85 -24.98
CA ASP C 230 -11.51 -4.34 -24.75
C ASP C 230 -11.52 -5.83 -24.39
N ASN C 231 -12.45 -6.24 -23.52
CA ASN C 231 -12.61 -7.63 -23.18
C ASN C 231 -13.02 -8.48 -24.39
N LEU C 232 -13.96 -7.97 -25.19
CA LEU C 232 -14.41 -8.69 -26.37
C LEU C 232 -13.24 -8.95 -27.33
N THR C 233 -12.39 -7.94 -27.52
CA THR C 233 -11.19 -8.08 -28.35
C THR C 233 -10.22 -9.12 -27.78
N LEU C 234 -10.07 -9.12 -26.46
CA LEU C 234 -9.23 -10.11 -25.78
C LEU C 234 -9.78 -11.52 -25.94
N TRP C 235 -11.11 -11.67 -25.84
CA TRP C 235 -11.74 -12.97 -25.81
C TRP C 235 -12.01 -13.61 -27.17
N THR C 236 -11.89 -12.82 -28.26
CA THR C 236 -12.14 -13.31 -29.60
C THR C 236 -10.92 -13.15 -30.51
N ASP D 1 -3.12 -12.86 -19.70
CA ASP D 1 -3.61 -11.48 -19.68
C ASP D 1 -5.06 -11.45 -19.22
N ARG D 2 -5.30 -10.84 -18.05
CA ARG D 2 -6.59 -10.92 -17.38
C ARG D 2 -7.63 -9.97 -17.98
N SER D 3 -8.90 -10.39 -17.92
CA SER D 3 -10.01 -9.53 -18.32
C SER D 3 -10.11 -8.30 -17.41
N SER D 4 -10.71 -7.23 -17.93
CA SER D 4 -10.95 -6.02 -17.17
C SER D 4 -12.33 -6.02 -16.51
N ALA D 6 -14.90 -3.65 -13.64
CA ALA D 6 -15.19 -2.25 -13.44
C ALA D 6 -14.12 -1.61 -12.53
N PRO D 7 -13.59 -0.41 -12.87
CA PRO D 7 -12.60 0.25 -12.03
C PRO D 7 -13.28 1.11 -10.97
N ASN D 8 -12.49 1.81 -10.14
CA ASN D 8 -13.00 2.89 -9.32
C ASN D 8 -13.37 4.06 -10.23
N VAL D 9 -14.53 4.68 -9.99
CA VAL D 9 -14.94 5.84 -10.78
C VAL D 9 -13.96 6.98 -10.49
#